data_3LDU
#
_entry.id   3LDU
#
_cell.length_a   42.059
_cell.length_b   74.047
_cell.length_c   64.061
_cell.angle_alpha   90.00
_cell.angle_beta   104.15
_cell.angle_gamma   90.00
#
_symmetry.space_group_name_H-M   'P 1 21 1'
#
loop_
_entity.id
_entity.type
_entity.pdbx_description
1 polymer 'Putative methylase'
2 non-polymer "GUANOSINE-5'-TRIPHOSPHATE"
3 non-polymer 'FORMIC ACID'
4 non-polymer GLYCEROL
5 water water
#
_entity_poly.entity_id   1
_entity_poly.type   'polypeptide(L)'
_entity_poly.pdbx_seq_one_letter_code
;SNA(MSE)KNYTLISPCFFG(MSE)EK(MSE)LAREITNLGYEIIKTEDGRITYKTDEFGIAKSN(MSE)WLRCAERVHL
KIAEFEAKSFDELFENTKRINWSRYIPYGAQFPISKASSIKSKLYSTPDVQAIVKKAIVESLKKSYLEDGLLKEDKEKYP
IFVFIHKDKVTISIDTTGDALHKRGYREKANKAPIRETLAAGLIYLTPWKAGRVLVDP(MSE)CGSGTILIEAA(MSE)I
GIN(MSE)APGLNREFISEKWRTLDKKIWWDVRKDAFNKIDNESKFKIYGYDIDEESIDIARENAEIAGVDEYIEFNVGD
ATQFKSEDEFGFIITNPPYGERLEDKDSVKQLYKELGYAFRKLKNWSYYLITSYEDFEYEFGQKADKKRKLYNG(MSE)L
KTNFFQYPGPKPPRNNK
;
_entity_poly.pdbx_strand_id   A
#
# COMPACT_ATOMS: atom_id res chain seq x y z
N LYS A 5 24.64 10.54 5.14
CA LYS A 5 24.20 9.49 6.06
C LYS A 5 23.17 8.57 5.41
N ASN A 6 23.10 7.34 5.91
CA ASN A 6 22.13 6.37 5.44
C ASN A 6 21.01 6.19 6.45
N TYR A 7 19.86 5.70 5.97
CA TYR A 7 18.77 5.34 6.85
C TYR A 7 18.50 3.86 6.73
N THR A 8 17.96 3.28 7.80
CA THR A 8 17.28 2.00 7.70
C THR A 8 15.79 2.29 7.84
N LEU A 9 15.02 1.92 6.80
CA LEU A 9 13.59 2.16 6.79
C LEU A 9 12.85 0.83 6.82
N ILE A 10 11.62 0.87 7.30
CA ILE A 10 10.74 -0.28 7.29
C ILE A 10 9.41 0.10 6.66
N SER A 11 8.98 -0.69 5.67
CA SER A 11 7.66 -0.49 5.11
C SER A 11 6.78 -1.72 5.29
N PRO A 12 5.72 -1.57 6.09
CA PRO A 12 4.75 -2.64 6.27
C PRO A 12 3.93 -2.77 4.98
N CYS A 13 3.39 -3.96 4.76
CA CYS A 13 2.50 -4.18 3.62
C CYS A 13 1.59 -5.32 3.98
N PHE A 14 0.51 -5.48 3.23
CA PHE A 14 -0.36 -6.62 3.50
C PHE A 14 0.35 -7.92 3.12
N PHE A 15 0.01 -9.00 3.82
CA PHE A 15 0.60 -10.30 3.53
C PHE A 15 0.31 -10.67 2.08
N GLY A 16 1.34 -11.11 1.37
CA GLY A 16 1.22 -11.45 -0.05
C GLY A 16 1.70 -10.32 -0.95
N GLU A 18 4.64 -8.62 -0.24
CA GLU A 18 6.07 -8.46 0.03
C GLU A 18 6.94 -8.48 -1.23
N LYS A 19 6.63 -9.38 -2.16
CA LYS A 19 7.41 -9.48 -3.40
C LYS A 19 7.27 -8.24 -4.27
N LEU A 21 6.34 -5.20 -3.23
CA LEU A 21 6.98 -4.09 -2.51
C LEU A 21 8.50 -4.15 -2.61
N ALA A 22 9.06 -5.35 -2.46
CA ALA A 22 10.50 -5.51 -2.56
C ALA A 22 11.00 -5.09 -3.93
N ARG A 23 10.22 -5.42 -4.96
CA ARG A 23 10.58 -5.08 -6.32
C ARG A 23 10.59 -3.56 -6.50
N GLU A 24 9.61 -2.88 -5.91
CA GLU A 24 9.52 -1.41 -5.99
C GLU A 24 10.74 -0.77 -5.32
N ILE A 25 11.08 -1.28 -4.14
CA ILE A 25 12.21 -0.77 -3.38
C ILE A 25 13.51 -0.97 -4.16
N THR A 26 13.62 -2.14 -4.78
CA THR A 26 14.80 -2.45 -5.58
C THR A 26 14.89 -1.47 -6.75
N ASN A 27 13.75 -1.16 -7.36
CA ASN A 27 13.71 -0.25 -8.51
C ASN A 27 14.07 1.19 -8.12
N LEU A 28 13.93 1.54 -6.84
CA LEU A 28 14.38 2.83 -6.35
C LEU A 28 15.88 2.85 -6.12
N GLY A 29 16.51 1.67 -6.23
CA GLY A 29 17.94 1.56 -6.08
C GLY A 29 18.39 1.18 -4.69
N TYR A 30 17.46 0.77 -3.84
CA TYR A 30 17.80 0.51 -2.43
C TYR A 30 18.03 -0.95 -2.09
N GLU A 31 18.87 -1.16 -1.09
CA GLU A 31 19.23 -2.50 -0.64
C GLU A 31 18.21 -3.04 0.36
N ILE A 32 17.67 -4.21 0.07
CA ILE A 32 16.78 -4.89 1.01
C ILE A 32 17.55 -5.67 2.07
N ILE A 33 17.30 -5.34 3.34
CA ILE A 33 18.01 -5.93 4.47
C ILE A 33 17.31 -7.16 5.01
N LYS A 34 15.98 -7.10 5.08
CA LYS A 34 15.21 -8.18 5.66
C LYS A 34 13.84 -8.19 5.03
N THR A 35 13.37 -9.37 4.63
CA THR A 35 12.01 -9.57 4.14
C THR A 35 11.26 -10.49 5.10
N GLU A 36 10.18 -9.98 5.68
CA GLU A 36 9.41 -10.75 6.64
C GLU A 36 7.95 -10.65 6.25
N ASP A 37 7.12 -11.52 6.82
CA ASP A 37 5.69 -11.43 6.57
C ASP A 37 5.23 -10.03 6.96
N GLY A 38 4.68 -9.30 6.00
CA GLY A 38 4.07 -8.01 6.26
C GLY A 38 5.02 -6.82 6.42
N ARG A 39 6.33 -7.01 6.27
CA ARG A 39 7.25 -5.86 6.37
CA ARG A 39 7.24 -5.86 6.34
C ARG A 39 8.62 -6.08 5.71
N ILE A 40 9.06 -5.08 4.96
CA ILE A 40 10.38 -5.09 4.35
C ILE A 40 11.26 -4.06 5.07
N THR A 41 12.48 -4.47 5.41
CA THR A 41 13.46 -3.55 5.98
C THR A 41 14.54 -3.30 4.94
N TYR A 42 14.87 -2.03 4.72
CA TYR A 42 15.80 -1.65 3.67
C TYR A 42 16.68 -0.46 4.04
N LYS A 43 17.84 -0.37 3.39
CA LYS A 43 18.80 0.69 3.63
C LYS A 43 18.74 1.66 2.48
N THR A 44 18.83 2.96 2.79
CA THR A 44 18.76 3.99 1.75
C THR A 44 19.77 5.09 2.02
N ASP A 45 19.98 5.94 1.03
CA ASP A 45 20.74 7.17 1.21
C ASP A 45 19.84 8.24 1.83
N GLU A 46 20.31 9.48 1.84
CA GLU A 46 19.56 10.54 2.51
C GLU A 46 18.27 10.92 1.79
N PHE A 47 18.10 10.44 0.56
CA PHE A 47 16.90 10.71 -0.21
C PHE A 47 15.81 9.69 0.09
N GLY A 48 16.13 8.71 0.94
CA GLY A 48 15.29 7.54 1.11
C GLY A 48 13.91 7.79 1.68
N ILE A 49 13.81 8.70 2.64
CA ILE A 49 12.52 8.95 3.27
C ILE A 49 11.57 9.62 2.27
N ALA A 50 12.07 10.66 1.60
CA ALA A 50 11.31 11.38 0.60
C ALA A 50 10.91 10.48 -0.58
N LYS A 51 11.89 9.77 -1.13
CA LYS A 51 11.64 8.93 -2.30
C LYS A 51 10.71 7.77 -1.99
N SER A 52 10.83 7.18 -0.82
CA SER A 52 10.00 6.02 -0.45
C SER A 52 8.53 6.42 -0.31
N ASN A 53 8.28 7.49 0.42
CA ASN A 53 6.92 8.03 0.54
C ASN A 53 6.37 8.47 -0.81
N TRP A 55 7.16 7.43 -3.93
CA TRP A 55 7.13 6.47 -5.03
C TRP A 55 6.54 5.10 -4.72
N LEU A 56 6.59 4.66 -3.47
CA LEU A 56 6.12 3.29 -3.19
C LEU A 56 4.59 3.18 -3.23
N ARG A 57 4.08 2.30 -4.10
CA ARG A 57 2.65 2.10 -4.28
C ARG A 57 2.08 0.97 -3.44
N CYS A 58 2.94 0.08 -2.97
CA CYS A 58 2.49 -1.09 -2.21
C CYS A 58 2.82 -1.05 -0.71
N ALA A 59 3.47 0.03 -0.28
CA ALA A 59 3.78 0.21 1.14
C ALA A 59 2.61 0.85 1.84
N GLU A 60 2.31 0.40 3.06
CA GLU A 60 1.24 1.04 3.82
C GLU A 60 1.76 2.28 4.53
N ARG A 61 3.07 2.32 4.75
CA ARG A 61 3.73 3.51 5.28
CA ARG A 61 3.71 3.38 5.52
C ARG A 61 5.22 3.29 5.33
N VAL A 62 5.95 4.34 5.71
CA VAL A 62 7.39 4.28 5.70
C VAL A 62 7.88 4.68 7.08
N HIS A 63 8.52 3.75 7.77
CA HIS A 63 9.05 3.98 9.12
C HIS A 63 10.56 4.17 9.10
N LEU A 64 11.05 5.09 9.91
CA LEU A 64 12.47 5.23 10.15
C LEU A 64 12.82 4.37 11.36
N LYS A 65 13.65 3.34 11.16
CA LYS A 65 14.00 2.44 12.25
C LYS A 65 15.01 3.11 13.18
N ILE A 66 14.71 3.09 14.47
CA ILE A 66 15.60 3.70 15.47
C ILE A 66 16.42 2.64 16.21
N ALA A 67 15.76 1.57 16.62
CA ALA A 67 16.43 0.59 17.48
C ALA A 67 15.72 -0.75 17.41
N GLU A 68 16.48 -1.81 17.67
CA GLU A 68 15.90 -3.13 17.84
C GLU A 68 16.65 -3.83 18.96
N PHE A 69 15.92 -4.42 19.90
CA PHE A 69 16.52 -5.10 21.04
C PHE A 69 15.52 -6.06 21.64
N GLU A 70 16.01 -6.99 22.46
CA GLU A 70 15.13 -7.89 23.16
C GLU A 70 14.63 -7.22 24.45
N ALA A 71 13.37 -7.44 24.79
CA ALA A 71 12.83 -6.96 26.05
C ALA A 71 11.81 -7.94 26.58
N LYS A 72 12.11 -8.60 27.69
CA LYS A 72 11.20 -9.58 28.26
C LYS A 72 10.47 -9.06 29.51
N SER A 73 10.85 -7.86 29.95
CA SER A 73 10.18 -7.24 31.08
C SER A 73 10.03 -5.75 30.82
N PHE A 74 9.12 -5.10 31.55
CA PHE A 74 8.97 -3.66 31.39
C PHE A 74 10.23 -2.90 31.84
N ASP A 75 10.91 -3.41 32.87
CA ASP A 75 12.19 -2.81 33.26
C ASP A 75 13.20 -2.85 32.10
N GLU A 76 13.29 -4.00 31.43
CA GLU A 76 14.21 -4.14 30.31
C GLU A 76 13.81 -3.22 29.14
N LEU A 77 12.51 -3.16 28.85
CA LEU A 77 11.99 -2.25 27.81
C LEU A 77 12.36 -0.80 28.14
N PHE A 78 12.13 -0.40 29.39
CA PHE A 78 12.48 0.96 29.82
C PHE A 78 13.98 1.25 29.71
N GLU A 79 14.81 0.40 30.30
CA GLU A 79 16.25 0.63 30.26
C GLU A 79 16.80 0.70 28.83
N ASN A 80 16.35 -0.19 27.96
CA ASN A 80 16.85 -0.19 26.58
C ASN A 80 16.37 1.01 25.78
N THR A 81 15.14 1.46 26.06
CA THR A 81 14.60 2.59 25.31
C THR A 81 15.27 3.88 25.79
N LYS A 82 15.46 3.98 27.09
CA LYS A 82 16.04 5.17 27.69
C LYS A 82 17.49 5.40 27.24
N ARG A 83 18.23 4.32 27.05
CA ARG A 83 19.64 4.44 26.68
C ARG A 83 19.86 4.93 25.25
N ILE A 84 18.84 4.84 24.42
CA ILE A 84 18.91 5.39 23.07
C ILE A 84 19.11 6.90 23.18
N ASN A 85 19.91 7.47 22.29
CA ASN A 85 20.12 8.92 22.29
C ASN A 85 19.00 9.59 21.52
N TRP A 86 17.88 9.82 22.21
CA TRP A 86 16.70 10.33 21.54
C TRP A 86 16.84 11.75 20.98
N SER A 87 17.71 12.56 21.61
CA SER A 87 17.92 13.93 21.13
C SER A 87 18.47 13.97 19.69
N ARG A 88 19.08 12.88 19.25
CA ARG A 88 19.56 12.78 17.86
C ARG A 88 18.41 12.76 16.86
N TYR A 89 17.25 12.30 17.31
CA TYR A 89 16.12 12.08 16.42
C TYR A 89 14.94 12.98 16.69
N ILE A 90 14.76 13.36 17.95
CA ILE A 90 13.67 14.24 18.38
C ILE A 90 14.28 15.56 18.85
N PRO A 91 14.04 16.64 18.08
CA PRO A 91 14.64 17.94 18.39
C PRO A 91 13.90 18.69 19.48
N TYR A 92 14.53 19.75 19.97
CA TYR A 92 14.00 20.54 21.07
C TYR A 92 12.57 21.01 20.82
N GLY A 93 11.67 20.65 21.73
CA GLY A 93 10.31 21.16 21.68
C GLY A 93 9.38 20.31 20.82
N ALA A 94 9.95 19.33 20.13
CA ALA A 94 9.15 18.48 19.25
C ALA A 94 8.16 17.62 20.03
N GLN A 95 7.06 17.25 19.37
CA GLN A 95 6.08 16.33 19.92
C GLN A 95 6.49 14.90 19.57
N PHE A 96 6.33 13.97 20.51
CA PHE A 96 6.65 12.57 20.27
C PHE A 96 5.60 11.65 20.88
N PRO A 97 4.38 11.70 20.32
CA PRO A 97 3.34 10.83 20.84
C PRO A 97 3.70 9.39 20.49
N ILE A 98 3.39 8.44 21.37
CA ILE A 98 3.62 7.02 21.06
C ILE A 98 2.32 6.57 20.39
N SER A 99 2.33 6.63 19.07
CA SER A 99 1.07 6.58 18.33
C SER A 99 0.48 5.18 18.30
N LYS A 100 1.35 4.17 18.43
CA LYS A 100 0.89 2.79 18.24
C LYS A 100 1.89 1.80 18.80
N ALA A 101 1.38 0.73 19.41
CA ALA A 101 2.23 -0.40 19.78
C ALA A 101 1.56 -1.69 19.38
N SER A 102 2.34 -2.60 18.80
CA SER A 102 1.82 -3.91 18.43
C SER A 102 2.68 -4.96 19.11
N SER A 103 2.06 -6.00 19.66
CA SER A 103 2.82 -7.03 20.34
C SER A 103 2.27 -8.41 19.96
N ILE A 104 3.16 -9.25 19.46
CA ILE A 104 2.79 -10.57 18.92
C ILE A 104 3.70 -11.65 19.52
N LYS A 105 3.11 -12.67 20.14
CA LYS A 105 3.87 -13.78 20.72
C LYS A 105 4.99 -13.30 21.65
N SER A 106 4.68 -12.35 22.50
CA SER A 106 5.68 -11.71 23.35
C SER A 106 5.15 -11.56 24.77
N LYS A 107 6.07 -11.65 25.73
CA LYS A 107 5.72 -11.49 27.14
C LYS A 107 5.10 -10.13 27.45
N LEU A 108 5.57 -9.07 26.78
CA LEU A 108 5.00 -7.74 26.96
C LEU A 108 3.80 -7.53 26.03
N TYR A 109 2.69 -8.20 26.35
CA TYR A 109 1.54 -8.23 25.46
C TYR A 109 0.59 -7.05 25.66
N SER A 110 0.70 -6.37 26.79
CA SER A 110 -0.19 -5.24 27.03
C SER A 110 0.32 -3.98 26.33
N THR A 111 -0.22 -3.69 25.14
CA THR A 111 0.31 -2.59 24.34
C THR A 111 0.18 -1.21 24.97
N PRO A 112 -0.91 -0.94 25.70
CA PRO A 112 -0.95 0.42 26.28
C PRO A 112 0.15 0.63 27.31
N ASP A 113 0.53 -0.44 28.03
CA ASP A 113 1.62 -0.34 29.00
C ASP A 113 2.98 -0.20 28.31
N VAL A 114 3.12 -0.88 27.16
CA VAL A 114 4.31 -0.73 26.33
C VAL A 114 4.44 0.74 25.93
N GLN A 115 3.32 1.33 25.50
CA GLN A 115 3.32 2.73 25.07
C GLN A 115 3.72 3.66 26.21
N ALA A 116 3.17 3.44 27.40
CA ALA A 116 3.45 4.32 28.53
C ALA A 116 4.92 4.22 28.94
N ILE A 117 5.46 3.00 28.98
CA ILE A 117 6.84 2.80 29.40
C ILE A 117 7.81 3.43 28.40
N VAL A 118 7.54 3.26 27.11
CA VAL A 118 8.38 3.88 26.09
C VAL A 118 8.30 5.40 26.19
N LYS A 119 7.10 5.94 26.39
CA LYS A 119 6.95 7.38 26.61
C LYS A 119 7.84 7.85 27.76
N LYS A 120 7.74 7.16 28.89
CA LYS A 120 8.53 7.55 30.06
C LYS A 120 10.03 7.51 29.77
N ALA A 121 10.49 6.45 29.09
CA ALA A 121 11.90 6.31 28.75
C ALA A 121 12.40 7.44 27.87
N ILE A 122 11.62 7.80 26.86
CA ILE A 122 12.01 8.88 25.96
C ILE A 122 12.03 10.22 26.69
N VAL A 123 11.05 10.45 27.56
CA VAL A 123 11.04 11.68 28.33
C VAL A 123 12.32 11.75 29.18
N GLU A 124 12.67 10.65 29.82
CA GLU A 124 13.87 10.61 30.68
C GLU A 124 15.13 10.86 29.86
N SER A 125 15.21 10.23 28.69
CA SER A 125 16.35 10.37 27.78
C SER A 125 16.55 11.83 27.34
N LEU A 126 15.46 12.47 26.93
CA LEU A 126 15.49 13.85 26.46
C LEU A 126 15.76 14.84 27.60
N LYS A 127 15.15 14.59 28.75
CA LYS A 127 15.36 15.46 29.91
C LYS A 127 16.85 15.53 30.24
N LYS A 128 17.52 14.38 30.11
CA LYS A 128 18.95 14.30 30.37
C LYS A 128 19.76 15.07 29.31
N SER A 129 19.42 14.87 28.04
CA SER A 129 20.14 15.53 26.95
C SER A 129 19.93 17.04 26.95
N TYR A 130 18.69 17.46 27.21
CA TYR A 130 18.30 18.86 27.07
C TYR A 130 18.32 19.61 28.39
N LEU A 131 18.86 18.97 29.43
CA LEU A 131 18.99 19.60 30.73
C LEU A 131 17.71 20.33 31.11
N GLU A 132 16.56 19.69 30.88
CA GLU A 132 15.28 20.34 31.14
C GLU A 132 14.84 20.23 32.60
N ASP A 133 14.81 21.38 33.27
CA ASP A 133 14.46 21.46 34.69
C ASP A 133 12.95 21.56 34.90
N GLY A 134 12.31 22.45 34.14
CA GLY A 134 10.88 22.63 34.22
C GLY A 134 10.14 21.69 33.28
N LEU A 135 8.96 22.10 32.86
CA LEU A 135 8.14 21.31 31.95
C LEU A 135 8.89 21.02 30.64
N LEU A 136 9.00 19.75 30.30
CA LEU A 136 9.50 19.38 28.97
C LEU A 136 8.40 19.72 27.98
N LYS A 137 8.60 20.81 27.26
CA LYS A 137 7.59 21.29 26.31
C LYS A 137 7.52 20.43 25.06
N GLU A 138 6.29 20.17 24.60
CA GLU A 138 6.03 19.42 23.38
C GLU A 138 5.12 20.24 22.47
N ASP A 139 5.65 21.33 21.91
CA ASP A 139 4.80 22.27 21.19
C ASP A 139 5.16 22.47 19.71
N LYS A 140 6.17 21.76 19.22
CA LYS A 140 6.60 21.94 17.84
C LYS A 140 6.08 20.78 16.97
N GLU A 141 6.84 20.41 15.94
CA GLU A 141 6.36 19.39 15.00
C GLU A 141 6.39 17.96 15.55
N LYS A 142 5.61 17.08 14.92
CA LYS A 142 5.30 15.75 15.45
C LYS A 142 6.17 14.63 14.86
N TYR A 143 6.69 13.78 15.74
CA TYR A 143 7.50 12.60 15.41
C TYR A 143 6.80 11.39 16.03
N PRO A 144 5.87 10.76 15.31
CA PRO A 144 5.05 9.72 15.93
C PRO A 144 5.87 8.46 16.13
N ILE A 145 5.90 7.95 17.35
CA ILE A 145 6.74 6.80 17.68
C ILE A 145 5.91 5.52 17.57
N PHE A 146 6.45 4.52 16.87
CA PHE A 146 5.78 3.24 16.71
C PHE A 146 6.63 2.15 17.37
N VAL A 147 5.98 1.25 18.12
CA VAL A 147 6.68 0.16 18.78
C VAL A 147 6.08 -1.16 18.30
N PHE A 148 6.95 -2.09 17.91
CA PHE A 148 6.52 -3.38 17.39
C PHE A 148 7.30 -4.47 18.12
N ILE A 149 6.60 -5.38 18.78
CA ILE A 149 7.25 -6.47 19.51
C ILE A 149 6.82 -7.82 18.95
N HIS A 150 7.80 -8.63 18.55
CA HIS A 150 7.50 -9.94 17.99
C HIS A 150 8.45 -10.93 18.60
N LYS A 151 7.90 -11.94 19.27
CA LYS A 151 8.70 -12.93 19.97
C LYS A 151 9.77 -12.25 20.84
N ASP A 152 9.35 -11.20 21.53
CA ASP A 152 10.20 -10.46 22.48
C ASP A 152 11.26 -9.56 21.85
N LYS A 153 11.29 -9.46 20.53
CA LYS A 153 12.20 -8.52 19.88
C LYS A 153 11.43 -7.23 19.64
N VAL A 154 11.92 -6.14 20.21
CA VAL A 154 11.26 -4.84 20.12
C VAL A 154 11.89 -4.05 18.99
N THR A 155 11.07 -3.50 18.13
CA THR A 155 11.57 -2.56 17.12
C THR A 155 10.90 -1.22 17.40
N ILE A 156 11.70 -0.18 17.58
CA ILE A 156 11.14 1.15 17.73
C ILE A 156 11.45 1.96 16.48
N SER A 157 10.44 2.66 15.96
CA SER A 157 10.64 3.44 14.76
C SER A 157 9.87 4.74 14.88
N ILE A 158 10.13 5.64 13.94
CA ILE A 158 9.34 6.87 13.84
C ILE A 158 8.60 6.85 12.51
N ASP A 159 7.31 7.14 12.56
CA ASP A 159 6.49 7.21 11.34
C ASP A 159 6.87 8.44 10.53
N THR A 160 7.24 8.25 9.26
CA THR A 160 7.62 9.37 8.39
C THR A 160 6.47 9.81 7.50
N THR A 161 5.37 9.05 7.58
CA THR A 161 4.27 9.18 6.60
C THR A 161 3.09 10.02 7.08
N GLY A 162 2.50 9.68 8.21
CA GLY A 162 1.31 10.36 8.69
C GLY A 162 0.07 9.59 8.26
N ASP A 163 -0.78 10.19 7.45
CA ASP A 163 -1.93 9.48 6.89
C ASP A 163 -1.45 8.23 6.12
N ALA A 164 -2.07 7.09 6.37
CA ALA A 164 -1.70 5.85 5.68
C ALA A 164 -1.47 6.09 4.18
N LEU A 165 -0.43 5.47 3.64
CA LEU A 165 -0.02 5.71 2.26
C LEU A 165 -1.11 5.38 1.23
N HIS A 166 -1.99 4.45 1.55
CA HIS A 166 -3.02 4.08 0.57
C HIS A 166 -3.94 5.27 0.25
N LYS A 167 -3.92 6.27 1.13
CA LYS A 167 -4.70 7.46 0.87
C LYS A 167 -3.88 8.39 -0.02
N ARG A 168 -4.01 8.22 -1.33
CA ARG A 168 -3.27 9.06 -2.28
C ARG A 168 -3.85 10.47 -2.29
N GLY A 169 -5.13 10.57 -1.95
CA GLY A 169 -5.83 11.85 -1.98
C GLY A 169 -7.01 11.86 -2.93
N TYR A 170 -7.18 10.81 -3.72
CA TYR A 170 -8.25 10.80 -4.71
C TYR A 170 -9.50 10.03 -4.28
N ARG A 171 -9.40 9.28 -3.18
CA ARG A 171 -10.54 8.47 -2.76
C ARG A 171 -11.58 9.31 -2.05
N GLU A 172 -12.73 9.46 -2.72
CA GLU A 172 -13.82 10.26 -2.21
C GLU A 172 -15.12 9.48 -2.35
N LYS A 173 -15.00 8.17 -2.53
CA LYS A 173 -16.14 7.28 -2.78
C LYS A 173 -17.36 7.61 -1.91
N LYS A 176 -19.29 2.40 -1.71
CA LYS A 176 -19.58 1.07 -1.18
C LYS A 176 -18.39 0.51 -0.39
N ALA A 177 -17.63 -0.37 -1.01
CA ALA A 177 -16.48 -1.00 -0.36
C ALA A 177 -15.30 -1.12 -1.32
N PRO A 178 -14.54 -0.03 -1.45
CA PRO A 178 -13.48 0.02 -2.46
C PRO A 178 -12.31 -0.85 -2.05
N ILE A 179 -11.67 -1.50 -3.00
CA ILE A 179 -10.42 -2.20 -2.75
C ILE A 179 -9.37 -1.19 -2.28
N ARG A 180 -8.46 -1.62 -1.42
CA ARG A 180 -7.41 -0.72 -0.93
C ARG A 180 -6.48 -0.31 -2.09
N GLU A 181 -6.06 0.95 -2.13
CA GLU A 181 -5.22 1.45 -3.23
C GLU A 181 -3.90 0.67 -3.37
N THR A 182 -3.28 0.34 -2.24
CA THR A 182 -2.00 -0.39 -2.26
C THR A 182 -2.19 -1.80 -2.83
N LEU A 183 -3.26 -2.46 -2.41
CA LEU A 183 -3.58 -3.78 -2.95
C LEU A 183 -3.82 -3.70 -4.45
N ALA A 184 -4.59 -2.71 -4.88
CA ALA A 184 -4.86 -2.52 -6.31
C ALA A 184 -3.58 -2.34 -7.12
N ALA A 185 -2.66 -1.51 -6.63
CA ALA A 185 -1.39 -1.38 -7.34
C ALA A 185 -0.65 -2.72 -7.41
N GLY A 186 -0.72 -3.49 -6.33
CA GLY A 186 -0.06 -4.79 -6.31
C GLY A 186 -0.66 -5.74 -7.33
N LEU A 187 -1.98 -5.67 -7.49
CA LEU A 187 -2.64 -6.50 -8.50
C LEU A 187 -2.09 -6.17 -9.90
N ILE A 188 -2.00 -4.89 -10.22
CA ILE A 188 -1.45 -4.50 -11.53
C ILE A 188 -0.03 -5.06 -11.71
N TYR A 189 0.80 -4.89 -10.68
CA TYR A 189 2.18 -5.34 -10.71
C TYR A 189 2.32 -6.86 -10.90
N LEU A 190 1.30 -7.60 -10.48
CA LEU A 190 1.30 -9.06 -10.63
C LEU A 190 0.95 -9.50 -12.05
N THR A 191 0.58 -8.56 -12.91
CA THR A 191 0.28 -8.87 -14.29
C THR A 191 1.32 -8.28 -15.23
N PRO A 192 1.31 -8.73 -16.50
CA PRO A 192 2.22 -8.17 -17.49
C PRO A 192 1.70 -6.91 -18.17
N TRP A 193 0.61 -6.33 -17.67
CA TRP A 193 0.04 -5.16 -18.33
C TRP A 193 1.02 -4.01 -18.39
N LYS A 194 1.03 -3.31 -19.52
CA LYS A 194 1.84 -2.10 -19.71
C LYS A 194 0.99 -1.07 -20.45
N ALA A 195 1.24 0.21 -20.21
CA ALA A 195 0.53 1.27 -20.92
C ALA A 195 0.56 1.04 -22.44
N GLY A 196 -0.60 1.17 -23.08
CA GLY A 196 -0.69 0.88 -24.50
C GLY A 196 -1.42 -0.41 -24.79
N ARG A 197 -1.36 -1.36 -23.86
CA ARG A 197 -2.13 -2.60 -23.99
C ARG A 197 -3.56 -2.37 -23.52
N VAL A 198 -4.52 -3.02 -24.18
CA VAL A 198 -5.91 -2.89 -23.77
C VAL A 198 -6.11 -3.42 -22.35
N LEU A 199 -6.77 -2.62 -21.52
CA LEU A 199 -7.09 -3.01 -20.15
C LEU A 199 -8.52 -2.62 -19.80
N VAL A 200 -9.29 -3.58 -19.31
CA VAL A 200 -10.67 -3.34 -18.91
C VAL A 200 -10.92 -3.87 -17.51
N ASP A 201 -11.60 -3.09 -16.67
CA ASP A 201 -12.15 -3.59 -15.42
C ASP A 201 -13.66 -3.46 -15.54
N PRO A 202 -14.36 -4.57 -15.85
CA PRO A 202 -15.78 -4.52 -16.19
C PRO A 202 -16.73 -4.50 -14.98
N CYS A 204 -15.97 -2.10 -12.18
CA CYS A 204 -14.90 -1.23 -11.71
C CYS A 204 -15.19 -0.47 -10.42
N GLY A 205 -16.45 -0.43 -10.01
CA GLY A 205 -16.85 0.32 -8.84
C GLY A 205 -16.36 1.75 -8.91
N SER A 206 -15.73 2.25 -7.85
CA SER A 206 -15.29 3.65 -7.84
C SER A 206 -13.94 3.85 -8.53
N GLY A 207 -13.47 2.81 -9.21
CA GLY A 207 -12.43 2.96 -10.21
C GLY A 207 -10.99 2.81 -9.76
N THR A 208 -10.82 2.29 -8.54
CA THR A 208 -9.50 2.25 -7.91
C THR A 208 -8.46 1.48 -8.72
N ILE A 209 -8.83 0.31 -9.22
CA ILE A 209 -7.90 -0.51 -9.98
C ILE A 209 -7.41 0.24 -11.21
N LEU A 210 -8.34 0.87 -11.93
CA LEU A 210 -7.97 1.59 -13.15
C LEU A 210 -7.19 2.88 -12.87
N ILE A 211 -7.59 3.62 -11.84
CA ILE A 211 -6.79 4.79 -11.43
C ILE A 211 -5.35 4.38 -11.10
N GLU A 212 -5.18 3.32 -10.31
CA GLU A 212 -3.83 2.86 -10.02
C GLU A 212 -3.07 2.44 -11.27
N ALA A 213 -3.76 1.77 -12.20
CA ALA A 213 -3.10 1.35 -13.42
C ALA A 213 -2.71 2.56 -14.28
N ALA A 214 -3.61 3.54 -14.39
CA ALA A 214 -3.30 4.74 -15.17
C ALA A 214 -2.07 5.43 -14.56
N ILE A 216 0.41 4.19 -12.80
CA ILE A 216 1.57 3.38 -13.18
C ILE A 216 1.94 3.64 -14.64
N GLY A 217 0.95 3.63 -15.52
CA GLY A 217 1.16 3.86 -16.94
C GLY A 217 1.81 5.17 -17.34
N ILE A 218 1.48 6.25 -16.66
CA ILE A 218 2.10 7.55 -16.96
C ILE A 218 3.24 7.87 -15.99
N ASN A 219 3.61 6.90 -15.16
CA ASN A 219 4.67 7.07 -14.16
C ASN A 219 4.41 8.26 -13.22
N ALA A 221 3.88 9.46 -9.61
CA ALA A 221 4.20 8.95 -8.28
C ALA A 221 2.96 8.97 -7.40
N PRO A 222 2.76 7.91 -6.58
CA PRO A 222 1.57 7.85 -5.74
C PRO A 222 1.46 9.02 -4.77
N GLY A 223 2.60 9.53 -4.29
CA GLY A 223 2.59 10.57 -3.27
C GLY A 223 2.55 12.01 -3.79
N LEU A 224 2.38 12.15 -5.11
CA LEU A 224 2.53 13.45 -5.77
C LEU A 224 1.54 14.50 -5.29
N ASN A 225 0.33 14.08 -4.97
CA ASN A 225 -0.70 15.03 -4.58
C ASN A 225 -1.13 14.93 -3.12
N ARG A 226 -0.22 14.48 -2.26
CA ARG A 226 -0.50 14.47 -0.83
C ARG A 226 0.71 14.92 -0.01
N GLU A 227 0.51 15.09 1.29
CA GLU A 227 1.62 15.48 2.14
C GLU A 227 2.00 14.40 3.17
N PHE A 228 3.17 14.55 3.75
CA PHE A 228 3.71 13.55 4.66
C PHE A 228 4.18 14.23 5.91
N ILE A 229 3.99 13.57 7.05
CA ILE A 229 4.33 14.19 8.34
C ILE A 229 5.80 14.61 8.42
N SER A 230 6.71 13.84 7.82
CA SER A 230 8.15 14.15 7.91
C SER A 230 8.59 15.37 7.09
N GLU A 231 7.70 15.89 6.26
CA GLU A 231 8.00 17.11 5.52
C GLU A 231 8.15 18.30 6.46
N LYS A 232 7.60 18.19 7.67
CA LYS A 232 7.72 19.25 8.66
C LYS A 232 8.92 19.09 9.60
N TRP A 233 9.64 17.98 9.50
CA TRP A 233 10.73 17.71 10.43
C TRP A 233 11.91 18.63 10.26
N ARG A 234 12.28 19.32 11.34
CA ARG A 234 13.45 20.20 11.33
C ARG A 234 14.74 19.41 11.16
N THR A 235 14.67 18.10 11.48
CA THR A 235 15.85 17.23 11.44
C THR A 235 16.19 16.77 10.02
N LEU A 236 15.31 17.05 9.07
CA LEU A 236 15.58 16.73 7.67
C LEU A 236 15.92 17.99 6.89
N ASP A 237 16.70 17.83 5.83
CA ASP A 237 17.00 18.90 4.90
C ASP A 237 15.80 19.07 3.98
N LYS A 238 15.10 20.20 4.11
CA LYS A 238 13.84 20.43 3.40
C LYS A 238 14.03 20.44 1.87
N LYS A 239 15.28 20.63 1.45
CA LYS A 239 15.62 20.71 0.05
C LYS A 239 15.44 19.33 -0.60
N ILE A 240 15.72 18.29 0.18
CA ILE A 240 15.58 16.92 -0.31
C ILE A 240 14.14 16.60 -0.65
N TRP A 241 13.22 16.84 0.28
CA TRP A 241 11.79 16.63 0.00
C TRP A 241 11.37 17.47 -1.20
N TRP A 242 11.90 18.69 -1.29
CA TRP A 242 11.51 19.57 -2.38
C TRP A 242 11.98 19.04 -3.75
N ASP A 243 13.25 18.66 -3.82
CA ASP A 243 13.82 18.14 -5.06
C ASP A 243 13.14 16.84 -5.49
N VAL A 244 12.79 16.01 -4.51
CA VAL A 244 12.09 14.75 -4.79
C VAL A 244 10.70 14.97 -5.38
N ARG A 245 9.95 15.93 -4.84
CA ARG A 245 8.65 16.27 -5.44
C ARG A 245 8.76 16.84 -6.84
N LYS A 246 9.69 17.77 -7.04
CA LYS A 246 9.88 18.38 -8.35
C LYS A 246 10.31 17.30 -9.36
N ASP A 247 11.20 16.42 -8.93
CA ASP A 247 11.68 15.31 -9.75
C ASP A 247 10.49 14.45 -10.17
N ALA A 248 9.61 14.15 -9.21
CA ALA A 248 8.45 13.31 -9.51
C ALA A 248 7.53 13.97 -10.52
N PHE A 249 7.31 15.28 -10.37
CA PHE A 249 6.49 15.99 -11.34
C PHE A 249 7.06 15.88 -12.76
N ASN A 250 8.38 16.03 -12.85
CA ASN A 250 9.08 16.01 -14.13
C ASN A 250 9.12 14.62 -14.77
N LYS A 251 8.90 13.59 -13.96
CA LYS A 251 8.97 12.21 -14.44
C LYS A 251 7.64 11.72 -15.01
N ILE A 252 6.58 12.50 -14.83
CA ILE A 252 5.29 12.14 -15.43
C ILE A 252 5.41 12.06 -16.93
N ASP A 253 4.94 10.96 -17.52
CA ASP A 253 5.01 10.77 -18.96
C ASP A 253 3.86 11.52 -19.62
N ASN A 254 4.16 12.71 -20.13
CA ASN A 254 3.14 13.59 -20.69
C ASN A 254 2.93 13.37 -22.18
N GLU A 255 3.83 12.62 -22.80
CA GLU A 255 3.76 12.37 -24.22
C GLU A 255 2.87 11.17 -24.53
N SER A 256 2.94 10.15 -23.67
CA SER A 256 2.18 8.93 -23.87
C SER A 256 0.67 9.12 -23.92
N LYS A 257 0.02 8.44 -24.86
CA LYS A 257 -1.43 8.44 -24.94
C LYS A 257 -1.93 6.99 -24.95
N PHE A 258 -2.86 6.71 -24.06
CA PHE A 258 -3.51 5.41 -24.04
C PHE A 258 -4.85 5.56 -23.34
N LYS A 259 -5.68 4.54 -23.45
CA LYS A 259 -6.99 4.54 -22.82
C LYS A 259 -7.22 3.18 -22.20
N ILE A 260 -7.74 3.16 -20.98
CA ILE A 260 -8.21 1.93 -20.37
C ILE A 260 -9.67 2.16 -19.95
N TYR A 261 -10.40 1.07 -19.70
CA TYR A 261 -11.85 1.16 -19.61
C TYR A 261 -12.44 0.51 -18.37
N GLY A 262 -13.43 1.16 -17.77
CA GLY A 262 -14.15 0.57 -16.67
C GLY A 262 -15.63 0.52 -16.96
N TYR A 263 -16.29 -0.56 -16.52
CA TYR A 263 -17.75 -0.65 -16.56
C TYR A 263 -18.27 -1.07 -15.19
N ASP A 264 -19.48 -0.62 -14.85
CA ASP A 264 -20.16 -1.10 -13.65
C ASP A 264 -21.66 -0.90 -13.87
N ILE A 265 -22.49 -1.69 -13.21
CA ILE A 265 -23.94 -1.46 -13.31
C ILE A 265 -24.46 -0.45 -12.29
N ASP A 266 -23.60 -0.06 -11.35
CA ASP A 266 -23.95 0.95 -10.34
C ASP A 266 -23.59 2.33 -10.91
N GLU A 267 -24.60 3.06 -11.35
CA GLU A 267 -24.40 4.32 -12.04
C GLU A 267 -23.71 5.35 -11.14
N GLU A 268 -24.05 5.33 -9.86
CA GLU A 268 -23.43 6.22 -8.90
C GLU A 268 -21.93 5.91 -8.78
N SER A 269 -21.56 4.64 -8.88
CA SER A 269 -20.15 4.27 -8.81
C SER A 269 -19.38 4.82 -9.99
N ILE A 270 -19.99 4.80 -11.17
CA ILE A 270 -19.36 5.38 -12.36
C ILE A 270 -19.16 6.89 -12.19
N ASP A 271 -20.16 7.57 -11.65
CA ASP A 271 -20.05 9.01 -11.41
C ASP A 271 -18.87 9.28 -10.48
N ILE A 272 -18.75 8.46 -9.44
CA ILE A 272 -17.70 8.62 -8.44
C ILE A 272 -16.35 8.33 -9.06
N ALA A 273 -16.30 7.27 -9.87
CA ALA A 273 -15.07 6.86 -10.51
C ALA A 273 -14.54 7.98 -11.40
N ARG A 274 -15.43 8.59 -12.19
CA ARG A 274 -15.04 9.73 -13.03
C ARG A 274 -14.49 10.89 -12.20
N GLU A 275 -15.17 11.22 -11.10
CA GLU A 275 -14.70 12.29 -10.20
C GLU A 275 -13.34 11.97 -9.64
N ASN A 276 -13.17 10.73 -9.20
CA ASN A 276 -11.93 10.29 -8.58
C ASN A 276 -10.76 10.34 -9.57
N ALA A 277 -11.01 9.90 -10.80
CA ALA A 277 -9.96 9.95 -11.82
C ALA A 277 -9.53 11.40 -12.09
N GLU A 278 -10.48 12.33 -12.06
CA GLU A 278 -10.16 13.75 -12.29
C GLU A 278 -9.28 14.25 -11.16
N ILE A 279 -9.63 13.89 -9.94
CA ILE A 279 -8.85 14.30 -8.78
C ILE A 279 -7.43 13.74 -8.85
N ALA A 280 -7.32 12.48 -9.27
CA ALA A 280 -6.04 11.80 -9.36
C ALA A 280 -5.20 12.37 -10.49
N GLY A 281 -5.85 13.03 -11.43
CA GLY A 281 -5.16 13.59 -12.59
C GLY A 281 -4.97 12.60 -13.72
N VAL A 282 -5.76 11.53 -13.75
CA VAL A 282 -5.62 10.56 -14.83
C VAL A 282 -6.90 10.39 -15.65
N ASP A 283 -7.80 11.36 -15.55
CA ASP A 283 -9.07 11.33 -16.27
C ASP A 283 -8.93 11.18 -17.79
N GLU A 284 -7.81 11.63 -18.36
CA GLU A 284 -7.64 11.55 -19.80
C GLU A 284 -7.28 10.14 -20.26
N TYR A 285 -6.99 9.24 -19.32
CA TYR A 285 -6.51 7.91 -19.68
C TYR A 285 -7.52 6.83 -19.40
N ILE A 286 -8.65 7.20 -18.80
CA ILE A 286 -9.67 6.21 -18.45
C ILE A 286 -11.03 6.63 -18.94
N GLU A 287 -11.78 5.68 -19.47
CA GLU A 287 -13.17 5.92 -19.81
C GLU A 287 -14.05 4.97 -19.01
N PHE A 288 -14.95 5.54 -18.21
CA PHE A 288 -15.84 4.79 -17.33
C PHE A 288 -17.24 4.88 -17.90
N ASN A 289 -17.97 3.78 -17.90
CA ASN A 289 -19.34 3.72 -18.41
C ASN A 289 -20.18 2.74 -17.62
N VAL A 290 -21.49 2.99 -17.56
CA VAL A 290 -22.41 1.95 -17.08
C VAL A 290 -22.37 0.81 -18.09
N GLY A 291 -22.22 -0.42 -17.59
CA GLY A 291 -22.18 -1.60 -18.45
C GLY A 291 -22.25 -2.85 -17.60
N ASP A 292 -22.63 -3.95 -18.25
CA ASP A 292 -22.80 -5.26 -17.61
C ASP A 292 -21.65 -6.17 -18.03
N ALA A 293 -20.77 -6.54 -17.07
CA ALA A 293 -19.61 -7.39 -17.33
C ALA A 293 -19.95 -8.72 -18.00
N THR A 294 -21.13 -9.26 -17.69
CA THR A 294 -21.56 -10.55 -18.25
C THR A 294 -21.87 -10.46 -19.75
N GLN A 295 -21.95 -9.24 -20.26
CA GLN A 295 -22.17 -9.03 -21.68
C GLN A 295 -20.94 -8.45 -22.33
N PHE A 296 -19.83 -8.41 -21.60
CA PHE A 296 -18.63 -7.79 -22.18
C PHE A 296 -18.17 -8.56 -23.42
N LYS A 297 -17.89 -7.83 -24.48
CA LYS A 297 -17.37 -8.41 -25.72
C LYS A 297 -16.37 -7.45 -26.34
N SER A 298 -15.41 -8.01 -27.08
CA SER A 298 -14.44 -7.16 -27.75
C SER A 298 -13.97 -7.82 -29.03
N GLU A 299 -13.61 -6.99 -30.01
CA GLU A 299 -13.04 -7.49 -31.26
C GLU A 299 -11.52 -7.41 -31.21
N ASP A 300 -11.00 -6.68 -30.24
CA ASP A 300 -9.56 -6.61 -30.00
C ASP A 300 -9.09 -7.94 -29.43
N GLU A 301 -7.86 -8.33 -29.72
CA GLU A 301 -7.29 -9.49 -29.06
C GLU A 301 -6.12 -9.10 -28.15
N PHE A 302 -5.71 -10.03 -27.30
CA PHE A 302 -4.58 -9.80 -26.41
C PHE A 302 -4.83 -8.65 -25.43
N GLY A 303 -6.08 -8.49 -25.02
CA GLY A 303 -6.39 -7.52 -23.99
C GLY A 303 -6.22 -8.09 -22.58
N PHE A 304 -6.39 -7.23 -21.59
CA PHE A 304 -6.28 -7.62 -20.18
C PHE A 304 -7.56 -7.25 -19.45
N ILE A 305 -7.99 -8.11 -18.53
CA ILE A 305 -9.03 -7.77 -17.57
C ILE A 305 -8.44 -7.92 -16.16
N ILE A 306 -8.58 -6.89 -15.34
CA ILE A 306 -8.19 -6.99 -13.93
C ILE A 306 -9.36 -6.46 -13.16
N THR A 307 -9.91 -7.25 -12.24
CA THR A 307 -11.17 -6.86 -11.63
C THR A 307 -11.40 -7.47 -10.25
N ASN A 308 -12.28 -6.80 -9.50
CA ASN A 308 -12.61 -7.14 -8.11
C ASN A 308 -14.13 -7.33 -8.02
N PRO A 309 -14.63 -8.53 -8.35
CA PRO A 309 -16.09 -8.76 -8.37
C PRO A 309 -16.67 -8.83 -6.96
N PRO A 310 -18.00 -8.81 -6.83
CA PRO A 310 -18.62 -9.09 -5.53
C PRO A 310 -18.11 -10.44 -5.00
N TYR A 311 -17.97 -10.57 -3.69
CA TYR A 311 -17.42 -11.79 -3.09
C TYR A 311 -18.47 -12.82 -2.68
N GLY A 312 -19.72 -12.35 -2.53
CA GLY A 312 -20.81 -13.21 -2.11
C GLY A 312 -20.64 -13.77 -0.70
N GLU A 313 -20.14 -12.95 0.21
CA GLU A 313 -19.89 -13.41 1.57
C GLU A 313 -21.16 -13.65 2.37
N ARG A 314 -22.22 -12.90 2.06
CA ARG A 314 -23.49 -13.05 2.77
C ARG A 314 -24.32 -14.18 2.19
N LEU A 315 -24.96 -14.97 3.05
CA LEU A 315 -25.79 -16.08 2.59
C LEU A 315 -26.84 -15.63 1.58
N GLU A 316 -27.37 -14.43 1.80
CA GLU A 316 -28.43 -13.89 0.96
C GLU A 316 -27.93 -13.56 -0.45
N ASP A 317 -26.63 -13.38 -0.60
CA ASP A 317 -26.04 -12.99 -1.88
C ASP A 317 -25.34 -14.14 -2.62
N LYS A 318 -25.03 -15.21 -1.88
CA LYS A 318 -24.18 -16.28 -2.38
C LYS A 318 -24.62 -16.87 -3.73
N ASP A 319 -25.92 -17.11 -3.88
CA ASP A 319 -26.39 -17.74 -5.10
C ASP A 319 -26.23 -16.82 -6.34
N SER A 320 -26.56 -15.54 -6.20
CA SER A 320 -26.44 -14.63 -7.33
C SER A 320 -24.98 -14.47 -7.72
N VAL A 321 -24.09 -14.44 -6.72
CA VAL A 321 -22.67 -14.32 -7.00
C VAL A 321 -22.08 -15.54 -7.73
N LYS A 322 -22.52 -16.74 -7.35
CA LYS A 322 -22.14 -17.95 -8.07
C LYS A 322 -22.51 -17.90 -9.55
N GLN A 323 -23.73 -17.44 -9.85
CA GLN A 323 -24.15 -17.31 -11.24
C GLN A 323 -23.33 -16.25 -11.98
N LEU A 324 -22.99 -15.16 -11.29
CA LEU A 324 -22.16 -14.13 -11.88
C LEU A 324 -20.83 -14.73 -12.34
N TYR A 325 -20.20 -15.51 -11.46
CA TYR A 325 -18.93 -16.12 -11.78
C TYR A 325 -19.03 -17.00 -13.04
N LYS A 326 -20.10 -17.80 -13.14
CA LYS A 326 -20.31 -18.64 -14.32
C LYS A 326 -20.47 -17.78 -15.56
N GLU A 327 -21.29 -16.75 -15.44
CA GLU A 327 -21.51 -15.84 -16.57
C GLU A 327 -20.25 -15.10 -16.99
N LEU A 328 -19.44 -14.67 -16.02
CA LEU A 328 -18.15 -14.08 -16.35
C LEU A 328 -17.22 -15.05 -17.10
N GLY A 329 -17.15 -16.29 -16.62
CA GLY A 329 -16.33 -17.29 -17.28
C GLY A 329 -16.73 -17.45 -18.74
N TYR A 330 -18.04 -17.56 -18.98
CA TYR A 330 -18.54 -17.70 -20.35
C TYR A 330 -18.10 -16.53 -21.21
N ALA A 331 -18.32 -15.29 -20.72
CA ALA A 331 -17.99 -14.10 -21.49
C ALA A 331 -16.48 -13.97 -21.73
N PHE A 332 -15.70 -14.19 -20.69
CA PHE A 332 -14.26 -13.97 -20.81
C PHE A 332 -13.60 -15.00 -21.74
N ARG A 333 -14.11 -16.23 -21.74
CA ARG A 333 -13.54 -17.28 -22.57
C ARG A 333 -13.84 -17.09 -24.06
N LYS A 334 -14.81 -16.22 -24.36
CA LYS A 334 -15.16 -15.88 -25.74
C LYS A 334 -14.27 -14.79 -26.33
N LEU A 335 -13.46 -14.17 -25.48
CA LEU A 335 -12.52 -13.16 -25.92
C LEU A 335 -11.38 -13.82 -26.70
N LYS A 336 -10.76 -13.06 -27.60
CA LYS A 336 -9.71 -13.63 -28.42
C LYS A 336 -8.35 -13.45 -27.76
N ASN A 337 -7.86 -14.50 -27.12
CA ASN A 337 -6.52 -14.49 -26.55
C ASN A 337 -6.34 -13.40 -25.50
N TRP A 338 -7.35 -13.17 -24.67
CA TRP A 338 -7.20 -12.22 -23.57
C TRP A 338 -6.62 -12.90 -22.33
N SER A 339 -6.14 -12.07 -21.40
CA SER A 339 -5.67 -12.51 -20.08
C SER A 339 -6.61 -11.88 -19.07
N TYR A 340 -7.02 -12.62 -18.04
CA TYR A 340 -7.90 -12.02 -17.05
C TYR A 340 -7.49 -12.41 -15.63
N TYR A 341 -7.72 -11.50 -14.69
CA TYR A 341 -7.24 -11.65 -13.32
C TYR A 341 -8.36 -11.17 -12.41
N LEU A 342 -8.74 -11.99 -11.45
CA LEU A 342 -9.88 -11.66 -10.60
C LEU A 342 -9.54 -11.91 -9.15
N ILE A 343 -9.87 -10.95 -8.29
CA ILE A 343 -9.66 -11.13 -6.86
C ILE A 343 -11.00 -11.36 -6.15
N THR A 344 -11.07 -12.41 -5.35
CA THR A 344 -12.28 -12.69 -4.60
C THR A 344 -11.98 -13.56 -3.39
N SER A 345 -12.81 -13.44 -2.37
CA SER A 345 -12.67 -14.28 -1.18
C SER A 345 -13.48 -15.56 -1.30
N TYR A 346 -14.23 -15.69 -2.40
CA TYR A 346 -15.00 -16.91 -2.65
C TYR A 346 -14.06 -18.07 -2.94
N GLU A 347 -13.95 -19.00 -1.99
CA GLU A 347 -12.97 -20.08 -2.07
C GLU A 347 -13.06 -20.92 -3.34
N ASP A 348 -14.28 -21.32 -3.69
CA ASP A 348 -14.51 -22.22 -4.81
C ASP A 348 -14.75 -21.47 -6.12
N PHE A 349 -14.05 -20.35 -6.29
CA PHE A 349 -14.21 -19.49 -7.46
C PHE A 349 -13.97 -20.24 -8.78
N GLU A 350 -12.85 -20.96 -8.86
CA GLU A 350 -12.47 -21.63 -10.10
C GLU A 350 -13.55 -22.58 -10.57
N TYR A 351 -14.20 -23.26 -9.63
CA TYR A 351 -15.27 -24.19 -9.98
C TYR A 351 -16.46 -23.49 -10.65
N GLU A 352 -16.90 -22.36 -10.09
CA GLU A 352 -18.05 -21.67 -10.64
C GLU A 352 -17.70 -20.89 -11.91
N PHE A 353 -16.50 -20.33 -11.93
CA PHE A 353 -15.96 -19.62 -13.08
C PHE A 353 -15.75 -20.54 -14.28
N GLY A 354 -15.48 -21.82 -14.03
CA GLY A 354 -15.37 -22.81 -15.09
C GLY A 354 -13.98 -22.95 -15.69
N GLN A 355 -12.97 -22.52 -14.95
CA GLN A 355 -11.59 -22.56 -15.44
C GLN A 355 -10.60 -22.53 -14.30
N LYS A 356 -9.55 -23.36 -14.39
CA LYS A 356 -8.51 -23.42 -13.38
C LYS A 356 -7.49 -22.33 -13.67
N ALA A 357 -7.08 -21.60 -12.64
CA ALA A 357 -6.14 -20.52 -12.84
C ALA A 357 -4.72 -21.03 -13.03
N ASP A 358 -3.91 -20.26 -13.76
CA ASP A 358 -2.49 -20.50 -13.86
C ASP A 358 -1.83 -20.37 -12.48
N LYS A 359 -2.23 -19.34 -11.74
CA LYS A 359 -1.73 -19.12 -10.38
C LYS A 359 -2.86 -18.61 -9.51
N LYS A 360 -2.79 -18.94 -8.23
CA LYS A 360 -3.75 -18.45 -7.24
C LYS A 360 -2.91 -17.89 -6.10
N ARG A 361 -3.00 -16.58 -5.86
CA ARG A 361 -2.18 -15.97 -4.82
CA ARG A 361 -2.18 -15.94 -4.82
C ARG A 361 -3.02 -15.49 -3.64
N LYS A 362 -2.60 -15.88 -2.44
CA LYS A 362 -3.32 -15.46 -1.24
C LYS A 362 -2.95 -14.03 -0.87
N LEU A 363 -3.96 -13.18 -0.73
CA LEU A 363 -3.77 -11.75 -0.47
C LEU A 363 -4.78 -11.26 0.56
N TYR A 364 -4.73 -9.97 0.90
CA TYR A 364 -5.59 -9.44 1.96
C TYR A 364 -6.14 -8.03 1.75
N ASN A 365 -7.46 -7.91 1.81
CA ASN A 365 -8.10 -6.65 2.17
C ASN A 365 -8.32 -6.68 3.69
N GLY A 366 -7.23 -6.89 4.44
CA GLY A 366 -7.30 -6.96 5.89
C GLY A 366 -8.32 -7.95 6.42
N LEU A 368 -10.61 -9.31 5.17
CA LEU A 368 -11.04 -10.28 4.17
C LEU A 368 -9.87 -11.11 3.69
N LYS A 369 -10.07 -12.43 3.62
CA LYS A 369 -9.03 -13.27 3.07
C LYS A 369 -9.36 -13.56 1.61
N THR A 370 -8.67 -12.85 0.73
CA THR A 370 -8.95 -12.93 -0.70
C THR A 370 -7.88 -13.73 -1.43
N ASN A 371 -8.24 -14.27 -2.59
CA ASN A 371 -7.27 -14.87 -3.50
C ASN A 371 -7.28 -14.16 -4.83
N PHE A 372 -6.12 -14.04 -5.47
CA PHE A 372 -6.01 -13.42 -6.79
C PHE A 372 -5.82 -14.56 -7.77
N PHE A 373 -6.83 -14.80 -8.60
CA PHE A 373 -6.81 -15.88 -9.60
C PHE A 373 -6.33 -15.34 -10.94
N GLN A 374 -5.25 -15.91 -11.47
CA GLN A 374 -4.58 -15.34 -12.63
C GLN A 374 -4.76 -16.25 -13.83
N TYR A 375 -5.23 -15.68 -14.93
CA TYR A 375 -5.51 -16.43 -16.15
C TYR A 375 -4.85 -15.78 -17.37
N PRO A 376 -3.52 -15.87 -17.47
CA PRO A 376 -2.84 -15.35 -18.66
C PRO A 376 -3.31 -16.10 -19.89
N GLY A 377 -3.39 -15.40 -21.03
CA GLY A 377 -3.87 -15.99 -22.26
C GLY A 377 -2.95 -17.09 -22.76
N PRO A 378 -3.44 -17.89 -23.72
CA PRO A 378 -2.66 -19.02 -24.23
C PRO A 378 -1.30 -18.56 -24.75
N LYS A 379 -0.30 -19.41 -24.63
CA LYS A 379 1.01 -19.12 -25.19
C LYS A 379 1.04 -19.55 -26.65
N PRO A 380 1.97 -18.98 -27.43
CA PRO A 380 2.14 -19.42 -28.83
C PRO A 380 2.40 -20.93 -28.89
N PRO A 381 2.13 -21.54 -30.04
CA PRO A 381 2.35 -22.98 -30.20
C PRO A 381 3.82 -23.34 -29.99
N ARG A 382 4.08 -24.59 -29.64
CA ARG A 382 5.44 -25.08 -29.49
C ARG A 382 5.89 -25.79 -30.76
N ASN A 383 7.19 -26.06 -30.87
CA ASN A 383 7.75 -26.70 -32.04
C ASN A 383 8.87 -27.67 -31.71
#